data_3PF0
#
_entry.id   3PF0
#
_cell.length_a   60.674
_cell.length_b   69.131
_cell.length_c   165.051
_cell.angle_alpha   90.000
_cell.angle_beta   90.000
_cell.angle_gamma   90.000
#
_symmetry.space_group_name_H-M   'I 2 2 2'
#
loop_
_entity.id
_entity.type
_entity.pdbx_description
1 polymer 'Imelysin-like protein'
2 water water
#
_entity_poly.entity_id   1
_entity_poly.type   'polypeptide(L)'
_entity_poly.pdbx_seq_one_letter_code
;GDDNNAAEVDRQVAQDSAEPKTGENAAAGDSSSTNKNAEKIVAVDISAETEKTYLTHVAND(MSE)VIPAYADAAKQSDL
LHDLAQKHCQKAPVSGDELQALRDQWLVLAQAWASAE(MSE)VNFGPATAS(MSE)SNLYINYYPDERGLVHGGVADLIT
ANPALTAEQLANESAVVQGIPGLEEALYANDSLDAGQCAYV(MSE)SASSALGTRLKDIEKNWQQNAIKLLAIDKTAESD
QGLNQWFNSLLSLVET(MSE)KSNAIEQPLGLSGKAKGHLPAATAGQSRAIINAKLATLNKA(MSE)TDPVLTAILGSNN
ENTVADTLSTALADTTALLAQ(MSE)PEDLATADKATQQELYDHLTNITRLIKSQLIPTLGIRVGFNSTDGD
;
_entity_poly.pdbx_strand_id   A
#
# COMPACT_ATOMS: atom_id res chain seq x y z
N ILE A 41 29.10 13.32 -2.08
CA ILE A 41 28.88 12.32 -3.13
C ILE A 41 29.71 11.03 -2.86
N VAL A 42 30.12 10.81 -1.58
CA VAL A 42 30.94 9.67 -1.16
C VAL A 42 30.05 8.51 -0.66
N ALA A 43 30.05 7.39 -1.41
CA ALA A 43 29.27 6.19 -1.08
C ALA A 43 29.90 5.41 0.07
N VAL A 44 29.06 4.87 0.96
CA VAL A 44 29.50 4.08 2.12
C VAL A 44 29.87 2.67 1.66
N ASP A 45 30.75 1.99 2.42
CA ASP A 45 31.17 0.63 2.12
C ASP A 45 30.22 -0.37 2.78
N ILE A 46 29.58 -1.22 1.97
CA ILE A 46 28.66 -2.27 2.44
C ILE A 46 29.25 -3.62 2.03
N SER A 47 29.54 -4.50 3.00
CA SER A 47 30.06 -5.84 2.72
C SER A 47 28.94 -6.75 2.21
N ALA A 48 29.30 -7.84 1.51
CA ALA A 48 28.37 -8.82 0.96
C ALA A 48 27.52 -9.44 2.08
N GLU A 49 28.13 -9.66 3.26
CA GLU A 49 27.48 -10.24 4.43
C GLU A 49 26.52 -9.25 5.09
N THR A 50 26.93 -7.96 5.25
CA THR A 50 26.09 -6.90 5.83
C THR A 50 24.83 -6.72 4.97
N GLU A 51 25.01 -6.74 3.63
CA GLU A 51 23.94 -6.61 2.66
C GLU A 51 22.99 -7.80 2.74
N LYS A 52 23.54 -9.03 2.79
CA LYS A 52 22.76 -10.27 2.93
C LYS A 52 21.88 -10.23 4.20
N THR A 53 22.48 -9.83 5.34
CA THR A 53 21.84 -9.71 6.66
C THR A 53 20.71 -8.66 6.60
N TYR A 54 20.95 -7.49 5.97
CA TYR A 54 19.93 -6.43 5.86
C TYR A 54 18.74 -6.90 5.02
N LEU A 55 19.00 -7.49 3.83
CA LEU A 55 17.96 -8.02 2.93
C LEU A 55 17.15 -9.15 3.58
N THR A 56 17.80 -10.00 4.40
CA THR A 56 17.13 -11.08 5.14
C THR A 56 16.22 -10.46 6.20
N HIS A 57 16.68 -9.37 6.85
CA HIS A 57 15.92 -8.65 7.87
C HIS A 57 14.69 -7.94 7.23
N VAL A 58 14.85 -7.41 6.01
CA VAL A 58 13.79 -6.71 5.27
C VAL A 58 12.67 -7.71 4.92
N ALA A 59 13.05 -8.92 4.48
CA ALA A 59 12.10 -9.98 4.13
C ALA A 59 11.34 -10.46 5.36
N ASN A 60 12.06 -10.81 6.43
CA ASN A 60 11.50 -11.37 7.66
C ASN A 60 10.78 -10.37 8.55
N ASP A 61 11.29 -9.13 8.69
CA ASP A 61 10.71 -8.16 9.62
C ASP A 61 9.80 -7.10 8.96
N MSE A 62 9.76 -7.01 7.62
CA MSE A 62 8.92 -5.98 7.00
C MSE A 62 8.01 -6.50 5.90
O MSE A 62 6.80 -6.27 5.97
CB MSE A 62 9.78 -4.82 6.48
CG MSE A 62 10.29 -3.93 7.61
SE MSE A 62 11.25 -2.39 6.97
CE MSE A 62 12.28 -1.98 8.59
N VAL A 63 8.57 -7.18 4.88
CA VAL A 63 7.82 -7.64 3.71
C VAL A 63 6.79 -8.72 4.10
N ILE A 64 7.26 -9.87 4.63
CA ILE A 64 6.42 -11.00 5.06
C ILE A 64 5.41 -10.53 6.14
N PRO A 65 5.77 -9.77 7.21
CA PRO A 65 4.76 -9.31 8.17
C PRO A 65 3.68 -8.42 7.58
N ALA A 66 4.04 -7.54 6.61
CA ALA A 66 3.08 -6.65 5.96
C ALA A 66 2.04 -7.45 5.18
N TYR A 67 2.50 -8.48 4.44
CA TYR A 67 1.57 -9.33 3.68
C TYR A 67 0.75 -10.19 4.63
N ALA A 68 1.35 -10.71 5.72
CA ALA A 68 0.66 -11.53 6.72
C ALA A 68 -0.45 -10.71 7.40
N ASP A 69 -0.16 -9.43 7.72
CA ASP A 69 -1.11 -8.53 8.35
C ASP A 69 -2.27 -8.21 7.40
N ALA A 70 -2.00 -7.91 6.12
CA ALA A 70 -3.06 -7.66 5.15
C ALA A 70 -3.98 -8.90 5.02
N ALA A 71 -3.40 -10.11 5.02
CA ALA A 71 -4.16 -11.38 4.94
C ALA A 71 -5.04 -11.57 6.19
N LYS A 72 -4.48 -11.28 7.38
CA LYS A 72 -5.14 -11.36 8.69
C LYS A 72 -6.37 -10.41 8.73
N GLN A 73 -6.19 -9.16 8.27
CA GLN A 73 -7.24 -8.14 8.24
C GLN A 73 -8.36 -8.50 7.25
N SER A 74 -8.00 -9.15 6.12
CA SER A 74 -8.97 -9.60 5.11
CA SER A 74 -8.99 -9.58 5.12
C SER A 74 -9.79 -10.75 5.69
N ASP A 75 -9.14 -11.65 6.45
CA ASP A 75 -9.80 -12.77 7.14
C ASP A 75 -10.77 -12.24 8.20
N LEU A 76 -10.36 -11.22 8.98
CA LEU A 76 -11.25 -10.65 9.99
C LEU A 76 -12.45 -9.96 9.32
N LEU A 77 -12.24 -9.29 8.16
CA LEU A 77 -13.33 -8.65 7.42
C LEU A 77 -14.31 -9.72 6.95
N HIS A 78 -13.78 -10.83 6.35
CA HIS A 78 -14.60 -11.94 5.86
C HIS A 78 -15.42 -12.55 7.01
N ASP A 79 -14.76 -12.87 8.13
CA ASP A 79 -15.41 -13.53 9.26
C ASP A 79 -16.51 -12.66 9.88
N LEU A 80 -16.28 -11.32 9.98
CA LEU A 80 -17.29 -10.39 10.50
C LEU A 80 -18.49 -10.32 9.58
N ALA A 81 -18.25 -10.25 8.24
CA ALA A 81 -19.30 -10.23 7.20
C ALA A 81 -20.08 -11.54 7.23
N GLN A 82 -19.39 -12.69 7.35
CA GLN A 82 -20.05 -14.00 7.43
C GLN A 82 -20.98 -14.06 8.66
N LYS A 83 -20.55 -13.49 9.80
CA LYS A 83 -21.34 -13.47 11.02
C LYS A 83 -22.57 -12.54 10.88
N HIS A 84 -22.36 -11.27 10.49
CA HIS A 84 -23.46 -10.29 10.40
C HIS A 84 -24.45 -10.58 9.28
N CYS A 85 -24.00 -11.16 8.15
CA CYS A 85 -24.88 -11.43 7.01
C CYS A 85 -25.89 -12.57 7.24
N GLN A 86 -25.77 -13.30 8.36
CA GLN A 86 -26.75 -14.30 8.78
C GLN A 86 -28.07 -13.61 9.22
N LYS A 87 -27.98 -12.32 9.61
CA LYS A 87 -29.13 -11.50 10.01
C LYS A 87 -29.31 -10.31 9.02
N ALA A 88 -29.30 -10.63 7.70
CA ALA A 88 -29.48 -9.67 6.61
C ALA A 88 -30.94 -9.16 6.57
N PRO A 89 -31.20 -7.85 6.28
CA PRO A 89 -30.25 -6.80 5.88
C PRO A 89 -29.33 -6.33 7.02
N VAL A 90 -28.08 -5.99 6.67
CA VAL A 90 -27.08 -5.53 7.64
C VAL A 90 -27.04 -4.00 7.60
N SER A 91 -27.23 -3.35 8.76
CA SER A 91 -27.19 -1.90 8.93
C SER A 91 -26.69 -1.56 10.33
N GLY A 92 -26.83 -0.28 10.71
CA GLY A 92 -26.45 0.25 12.03
C GLY A 92 -25.05 -0.12 12.46
N ASP A 93 -24.91 -0.50 13.74
CA ASP A 93 -23.64 -0.89 14.36
C ASP A 93 -22.87 -1.97 13.57
N GLU A 94 -23.60 -2.96 13.00
CA GLU A 94 -23.02 -4.08 12.24
C GLU A 94 -22.39 -3.59 10.94
N LEU A 95 -23.07 -2.68 10.22
CA LEU A 95 -22.50 -2.12 8.98
C LEU A 95 -21.29 -1.22 9.29
N GLN A 96 -21.35 -0.44 10.39
CA GLN A 96 -20.24 0.43 10.77
C GLN A 96 -18.98 -0.41 11.10
N ALA A 97 -19.15 -1.54 11.80
CA ALA A 97 -18.08 -2.47 12.13
C ALA A 97 -17.43 -3.02 10.85
N LEU A 98 -18.24 -3.32 9.82
CA LEU A 98 -17.72 -3.79 8.53
C LEU A 98 -16.91 -2.69 7.81
N ARG A 99 -17.39 -1.45 7.89
CA ARG A 99 -16.74 -0.27 7.30
C ARG A 99 -15.42 0.04 8.01
N ASP A 100 -15.40 -0.05 9.36
CA ASP A 100 -14.22 0.19 10.17
C ASP A 100 -13.14 -0.84 9.88
N GLN A 101 -13.52 -2.13 9.78
CA GLN A 101 -12.60 -3.22 9.49
C GLN A 101 -12.08 -3.12 8.04
N TRP A 102 -12.89 -2.61 7.10
CA TRP A 102 -12.42 -2.41 5.72
C TRP A 102 -11.22 -1.43 5.75
N LEU A 103 -11.33 -0.31 6.53
CA LEU A 103 -10.27 0.70 6.64
C LEU A 103 -8.98 0.11 7.21
N VAL A 104 -9.09 -0.75 8.27
CA VAL A 104 -7.95 -1.45 8.90
C VAL A 104 -7.22 -2.26 7.80
N LEU A 105 -8.00 -2.99 6.97
CA LEU A 105 -7.50 -3.77 5.84
C LEU A 105 -6.88 -2.88 4.75
N ALA A 106 -7.53 -1.75 4.41
CA ALA A 106 -7.02 -0.84 3.37
C ALA A 106 -5.69 -0.22 3.82
N GLN A 107 -5.56 0.08 5.13
CA GLN A 107 -4.34 0.62 5.74
C GLN A 107 -3.19 -0.43 5.70
N ALA A 108 -3.50 -1.72 6.00
CA ALA A 108 -2.54 -2.83 5.99
C ALA A 108 -2.01 -3.08 4.57
N TRP A 109 -2.88 -3.03 3.57
CA TRP A 109 -2.42 -3.22 2.19
C TRP A 109 -1.62 -2.01 1.71
N ALA A 110 -1.98 -0.78 2.15
CA ALA A 110 -1.25 0.44 1.79
C ALA A 110 0.21 0.31 2.25
N SER A 111 0.42 -0.29 3.44
CA SER A 111 1.74 -0.56 3.99
C SER A 111 2.47 -1.62 3.15
N ALA A 112 1.79 -2.74 2.80
CA ALA A 112 2.36 -3.82 1.98
C ALA A 112 2.75 -3.33 0.55
N GLU A 113 2.17 -2.21 0.10
CA GLU A 113 2.47 -1.61 -1.22
C GLU A 113 3.89 -1.01 -1.30
N MSE A 114 4.66 -1.05 -0.17
CA MSE A 114 6.06 -0.62 -0.13
C MSE A 114 6.90 -1.50 -1.09
O MSE A 114 7.98 -1.08 -1.50
CB MSE A 114 6.61 -0.70 1.32
CG MSE A 114 6.82 -2.13 1.82
SE MSE A 114 7.58 -2.28 3.59
CE MSE A 114 6.14 -3.20 4.43
N VAL A 115 6.40 -2.72 -1.41
CA VAL A 115 6.96 -3.69 -2.34
C VAL A 115 6.13 -3.59 -3.62
N ASN A 116 6.77 -3.26 -4.75
CA ASN A 116 6.09 -3.10 -6.05
C ASN A 116 6.57 -4.17 -7.05
N PHE A 117 7.17 -5.25 -6.55
CA PHE A 117 7.70 -6.32 -7.37
C PHE A 117 7.38 -7.67 -6.76
N GLY A 118 7.66 -8.73 -7.51
CA GLY A 118 7.49 -10.10 -7.06
C GLY A 118 6.09 -10.67 -7.04
N PRO A 119 5.81 -11.58 -6.07
CA PRO A 119 4.51 -12.27 -6.02
C PRO A 119 3.26 -11.40 -6.14
N ALA A 120 3.26 -10.18 -5.55
CA ALA A 120 2.09 -9.30 -5.60
C ALA A 120 1.76 -8.86 -7.05
N THR A 121 2.76 -8.89 -7.96
CA THR A 121 2.59 -8.50 -9.36
C THR A 121 2.30 -9.71 -10.26
N ALA A 122 2.47 -10.95 -9.75
CA ALA A 122 2.24 -12.16 -10.54
C ALA A 122 0.76 -12.26 -10.95
N SER A 123 0.52 -12.50 -12.26
CA SER A 123 -0.81 -12.59 -12.88
C SER A 123 -1.67 -11.37 -12.48
N MSE A 124 -1.01 -10.17 -12.42
CA MSE A 124 -1.53 -8.85 -11.99
C MSE A 124 -2.43 -8.96 -10.73
O MSE A 124 -3.43 -8.27 -10.60
CB MSE A 124 -2.24 -8.07 -13.12
CG MSE A 124 -3.40 -8.79 -13.82
SE MSE A 124 -4.36 -7.62 -15.06
CE MSE A 124 -5.70 -6.94 -13.84
N SER A 125 -2.02 -9.81 -9.76
CA SER A 125 -2.80 -10.04 -8.55
C SER A 125 -3.02 -8.74 -7.77
N ASN A 126 -2.03 -7.82 -7.76
CA ASN A 126 -2.11 -6.51 -7.07
C ASN A 126 -3.30 -5.66 -7.58
N LEU A 127 -3.65 -5.77 -8.88
CA LEU A 127 -4.79 -5.03 -9.43
C LEU A 127 -6.12 -5.71 -9.01
N TYR A 128 -6.09 -7.04 -8.76
CA TYR A 128 -7.24 -7.77 -8.23
C TYR A 128 -7.38 -7.47 -6.75
N ILE A 129 -6.28 -7.05 -6.09
CA ILE A 129 -6.23 -6.69 -4.68
C ILE A 129 -6.61 -5.20 -4.49
N ASN A 130 -6.02 -4.30 -5.29
CA ASN A 130 -6.30 -2.87 -5.21
C ASN A 130 -6.18 -2.23 -6.60
N TYR A 131 -7.32 -2.16 -7.31
CA TYR A 131 -7.34 -1.57 -8.65
C TYR A 131 -7.28 -0.06 -8.50
N TYR A 132 -6.05 0.48 -8.57
CA TYR A 132 -5.78 1.90 -8.37
C TYR A 132 -4.52 2.31 -9.14
N PRO A 133 -4.45 3.49 -9.80
CA PRO A 133 -5.53 4.49 -10.00
C PRO A 133 -6.73 3.95 -10.78
N ASP A 134 -7.87 4.64 -10.72
CA ASP A 134 -9.07 4.30 -11.46
C ASP A 134 -9.60 5.61 -12.06
N GLU A 135 -8.81 6.18 -12.97
CA GLU A 135 -9.07 7.46 -13.65
C GLU A 135 -10.43 7.52 -14.35
N ARG A 136 -10.95 6.36 -14.83
CA ARG A 136 -12.22 6.31 -15.57
C ARG A 136 -13.39 5.87 -14.70
N GLY A 137 -13.16 5.66 -13.40
CA GLY A 137 -14.20 5.26 -12.45
C GLY A 137 -14.91 3.97 -12.82
N LEU A 138 -14.13 2.94 -13.21
CA LEU A 138 -14.63 1.64 -13.63
C LEU A 138 -15.16 0.80 -12.46
N VAL A 139 -14.67 1.04 -11.22
CA VAL A 139 -15.05 0.27 -10.03
C VAL A 139 -16.55 0.49 -9.68
N HIS A 140 -17.01 1.75 -9.57
CA HIS A 140 -18.37 2.13 -9.19
C HIS A 140 -19.49 1.37 -9.94
N GLY A 141 -19.56 1.54 -11.26
CA GLY A 141 -20.58 0.93 -12.10
C GLY A 141 -20.52 -0.59 -12.23
N GLY A 142 -19.31 -1.12 -12.26
CA GLY A 142 -19.07 -2.55 -12.39
C GLY A 142 -19.51 -3.39 -11.21
N VAL A 143 -19.29 -2.89 -9.97
CA VAL A 143 -19.63 -3.62 -8.76
C VAL A 143 -21.15 -3.84 -8.69
N ALA A 144 -21.95 -2.77 -8.84
CA ALA A 144 -23.42 -2.85 -8.80
C ALA A 144 -23.96 -3.78 -9.91
N ASP A 145 -23.43 -3.68 -11.16
CA ASP A 145 -23.84 -4.55 -12.26
C ASP A 145 -23.59 -6.00 -11.92
N LEU A 146 -22.42 -6.31 -11.32
CA LEU A 146 -22.01 -7.66 -10.94
C LEU A 146 -22.95 -8.24 -9.87
N ILE A 147 -23.33 -7.45 -8.85
CA ILE A 147 -24.20 -7.88 -7.75
C ILE A 147 -25.61 -8.19 -8.30
N THR A 148 -26.14 -7.34 -9.22
CA THR A 148 -27.46 -7.54 -9.86
C THR A 148 -27.42 -8.85 -10.67
N ALA A 149 -26.32 -9.09 -11.41
CA ALA A 149 -26.14 -10.27 -12.25
C ALA A 149 -25.90 -11.54 -11.42
N ASN A 150 -25.22 -11.41 -10.26
CA ASN A 150 -24.92 -12.57 -9.41
C ASN A 150 -25.33 -12.35 -7.95
N PRO A 151 -26.61 -12.61 -7.58
CA PRO A 151 -27.03 -12.40 -6.18
C PRO A 151 -26.48 -13.47 -5.23
N ALA A 152 -26.05 -14.61 -5.78
CA ALA A 152 -25.46 -15.74 -5.06
C ALA A 152 -24.00 -15.95 -5.53
N LEU A 153 -23.25 -14.85 -5.56
CA LEU A 153 -21.85 -14.82 -5.97
C LEU A 153 -20.98 -15.61 -5.00
N THR A 154 -20.01 -16.36 -5.54
CA THR A 154 -19.05 -17.08 -4.71
C THR A 154 -17.68 -16.44 -4.90
N ALA A 155 -16.77 -16.64 -3.92
CA ALA A 155 -15.39 -16.16 -3.96
C ALA A 155 -14.64 -16.64 -5.22
N GLU A 156 -14.83 -17.93 -5.58
CA GLU A 156 -14.15 -18.58 -6.71
C GLU A 156 -14.60 -18.00 -8.05
N GLN A 157 -15.86 -17.58 -8.13
CA GLN A 157 -16.44 -16.98 -9.34
C GLN A 157 -15.78 -15.65 -9.71
N LEU A 158 -15.29 -14.89 -8.72
CA LEU A 158 -14.62 -13.60 -8.92
C LEU A 158 -13.29 -13.70 -9.68
N ALA A 159 -12.64 -14.89 -9.64
CA ALA A 159 -11.38 -15.18 -10.35
C ALA A 159 -11.53 -14.98 -11.86
N ASN A 160 -12.74 -15.23 -12.40
CA ASN A 160 -13.02 -15.05 -13.82
CA ASN A 160 -13.04 -15.05 -13.82
C ASN A 160 -13.66 -13.68 -14.09
N GLU A 161 -13.92 -12.90 -13.04
CA GLU A 161 -14.46 -11.55 -13.20
C GLU A 161 -13.29 -10.56 -13.23
N SER A 162 -13.49 -9.37 -13.80
CA SER A 162 -12.43 -8.36 -13.88
C SER A 162 -11.98 -7.88 -12.50
N ALA A 163 -10.71 -7.44 -12.43
CA ALA A 163 -10.05 -6.94 -11.23
C ALA A 163 -10.74 -5.68 -10.67
N VAL A 164 -11.37 -4.93 -11.57
CA VAL A 164 -12.08 -3.67 -11.36
C VAL A 164 -13.35 -3.84 -10.45
N VAL A 165 -13.93 -5.06 -10.38
CA VAL A 165 -15.15 -5.30 -9.62
C VAL A 165 -14.88 -6.05 -8.30
N GLN A 166 -13.63 -6.04 -7.83
CA GLN A 166 -13.27 -6.74 -6.60
C GLN A 166 -12.11 -6.04 -5.87
N GLY A 167 -11.56 -6.73 -4.86
CA GLY A 167 -10.46 -6.24 -4.04
C GLY A 167 -10.90 -5.14 -3.08
N ILE A 168 -9.91 -4.39 -2.55
CA ILE A 168 -10.14 -3.28 -1.62
C ILE A 168 -11.11 -2.21 -2.23
N PRO A 169 -10.96 -1.69 -3.49
CA PRO A 169 -11.94 -0.69 -3.97
C PRO A 169 -13.34 -1.26 -4.25
N GLY A 170 -13.42 -2.55 -4.59
CA GLY A 170 -14.68 -3.24 -4.82
C GLY A 170 -15.47 -3.34 -3.51
N LEU A 171 -14.79 -3.75 -2.43
CA LEU A 171 -15.39 -3.86 -1.09
C LEU A 171 -15.81 -2.48 -0.57
N GLU A 172 -14.99 -1.45 -0.83
CA GLU A 172 -15.27 -0.09 -0.42
C GLU A 172 -16.58 0.38 -0.99
N GLU A 173 -16.76 0.15 -2.30
CA GLU A 173 -17.93 0.51 -3.06
C GLU A 173 -19.16 -0.22 -2.54
N ALA A 174 -19.07 -1.54 -2.31
CA ALA A 174 -20.21 -2.32 -1.81
C ALA A 174 -20.61 -1.93 -0.38
N LEU A 175 -19.62 -1.60 0.49
CA LEU A 175 -19.91 -1.20 1.88
C LEU A 175 -20.42 0.26 2.02
N TYR A 176 -20.08 1.13 1.06
CA TYR A 176 -20.48 2.53 1.11
C TYR A 176 -21.58 2.93 0.11
N ALA A 177 -22.12 1.97 -0.67
CA ALA A 177 -23.17 2.23 -1.66
C ALA A 177 -24.46 2.69 -1.02
N ASN A 178 -24.80 2.09 0.16
CA ASN A 178 -26.02 2.40 0.91
C ASN A 178 -25.75 2.28 2.41
N ASP A 179 -26.73 2.65 3.26
CA ASP A 179 -26.62 2.54 4.72
C ASP A 179 -27.17 1.18 5.17
N SER A 180 -27.32 0.24 4.23
CA SER A 180 -27.85 -1.10 4.44
C SER A 180 -27.33 -2.06 3.37
N LEU A 181 -27.03 -3.31 3.79
CA LEU A 181 -26.60 -4.38 2.89
C LEU A 181 -27.70 -5.40 2.79
N ASP A 182 -28.21 -5.67 1.58
CA ASP A 182 -29.23 -6.71 1.41
C ASP A 182 -28.54 -8.06 1.17
N ALA A 183 -29.30 -9.14 0.98
CA ALA A 183 -28.77 -10.50 0.80
C ALA A 183 -27.69 -10.59 -0.32
N GLY A 184 -27.96 -9.99 -1.49
CA GLY A 184 -27.03 -9.97 -2.62
C GLY A 184 -25.76 -9.20 -2.34
N GLN A 185 -25.88 -8.00 -1.72
CA GLN A 185 -24.74 -7.17 -1.34
C GLN A 185 -23.88 -7.87 -0.27
N CYS A 186 -24.52 -8.62 0.63
CA CYS A 186 -23.91 -9.41 1.68
C CYS A 186 -23.04 -10.53 1.09
N ALA A 187 -23.58 -11.23 0.07
CA ALA A 187 -22.92 -12.32 -0.63
C ALA A 187 -21.66 -11.80 -1.34
N TYR A 188 -21.73 -10.56 -1.87
CA TYR A 188 -20.59 -9.94 -2.54
C TYR A 188 -19.47 -9.62 -1.57
N VAL A 189 -19.78 -9.03 -0.41
CA VAL A 189 -18.80 -8.60 0.59
C VAL A 189 -18.05 -9.83 1.12
N MSE A 190 -18.78 -10.94 1.33
CA MSE A 190 -18.19 -12.21 1.77
C MSE A 190 -17.32 -12.81 0.68
O MSE A 190 -16.19 -13.23 0.98
CB MSE A 190 -19.29 -13.20 2.17
CG MSE A 190 -19.95 -12.87 3.51
SE MSE A 190 -21.49 -14.01 3.79
CE MSE A 190 -20.57 -15.75 4.00
N SER A 191 -17.80 -12.80 -0.59
CA SER A 191 -17.06 -13.33 -1.74
C SER A 191 -15.79 -12.53 -2.02
N ALA A 192 -15.89 -11.18 -2.04
CA ALA A 192 -14.74 -10.34 -2.34
C ALA A 192 -13.69 -10.38 -1.24
N SER A 193 -14.08 -10.35 0.04
CA SER A 193 -13.10 -10.42 1.14
C SER A 193 -12.44 -11.83 1.19
N SER A 194 -13.21 -12.90 0.88
CA SER A 194 -12.68 -14.27 0.80
C SER A 194 -11.68 -14.41 -0.36
N ALA A 195 -12.04 -13.88 -1.56
CA ALA A 195 -11.15 -13.94 -2.72
C ALA A 195 -9.87 -13.14 -2.45
N LEU A 196 -10.02 -12.00 -1.74
CA LEU A 196 -8.90 -11.15 -1.35
C LEU A 196 -7.98 -11.89 -0.37
N GLY A 197 -8.56 -12.54 0.64
CA GLY A 197 -7.83 -13.36 1.61
C GLY A 197 -6.96 -14.42 0.97
N THR A 198 -7.52 -15.15 -0.02
CA THR A 198 -6.83 -16.21 -0.76
C THR A 198 -5.61 -15.64 -1.51
N ARG A 199 -5.77 -14.48 -2.18
CA ARG A 199 -4.70 -13.86 -2.96
C ARG A 199 -3.56 -13.38 -2.05
N LEU A 200 -3.90 -12.76 -0.91
CA LEU A 200 -2.93 -12.24 0.06
C LEU A 200 -2.14 -13.35 0.75
N LYS A 201 -2.80 -14.48 1.08
CA LYS A 201 -2.12 -15.61 1.72
C LYS A 201 -1.18 -16.28 0.73
N ASP A 202 -1.55 -16.30 -0.56
CA ASP A 202 -0.73 -16.88 -1.60
C ASP A 202 0.56 -16.07 -1.79
N ILE A 203 0.46 -14.72 -1.68
CA ILE A 203 1.61 -13.80 -1.78
C ILE A 203 2.52 -13.99 -0.57
N GLU A 204 1.93 -14.05 0.66
CA GLU A 204 2.65 -14.30 1.91
C GLU A 204 3.43 -15.63 1.84
N LYS A 205 2.78 -16.72 1.36
CA LYS A 205 3.38 -18.06 1.24
C LYS A 205 4.54 -18.07 0.23
N ASN A 206 4.39 -17.30 -0.87
CA ASN A 206 5.37 -17.16 -1.94
C ASN A 206 6.66 -16.46 -1.44
N TRP A 207 6.51 -15.36 -0.68
CA TRP A 207 7.62 -14.62 -0.09
C TRP A 207 8.35 -15.49 0.95
N GLN A 208 7.61 -16.27 1.77
CA GLN A 208 8.17 -17.15 2.80
CA GLN A 208 8.17 -17.14 2.80
C GLN A 208 9.01 -18.24 2.15
N GLN A 209 8.58 -18.72 0.98
CA GLN A 209 9.26 -19.76 0.22
C GLN A 209 10.44 -19.24 -0.61
N ASN A 210 10.25 -18.12 -1.34
CA ASN A 210 11.23 -17.64 -2.32
C ASN A 210 11.95 -16.31 -2.00
N ALA A 211 11.95 -15.83 -0.74
CA ALA A 211 12.57 -14.55 -0.34
C ALA A 211 14.02 -14.37 -0.83
N ILE A 212 14.86 -15.42 -0.69
CA ILE A 212 16.29 -15.40 -1.06
C ILE A 212 16.44 -15.08 -2.56
N LYS A 213 15.70 -15.78 -3.42
CA LYS A 213 15.70 -15.58 -4.87
C LYS A 213 15.10 -14.21 -5.24
N LEU A 214 13.97 -13.83 -4.62
CA LEU A 214 13.27 -12.55 -4.90
C LEU A 214 14.12 -11.32 -4.57
N LEU A 215 14.93 -11.36 -3.48
CA LEU A 215 15.77 -10.24 -3.09
C LEU A 215 17.27 -10.46 -3.38
N ALA A 216 17.61 -11.49 -4.21
CA ALA A 216 18.98 -11.88 -4.60
C ALA A 216 19.93 -11.85 -3.38
N ILE A 217 19.44 -12.43 -2.26
CA ILE A 217 20.09 -12.48 -0.95
C ILE A 217 21.41 -13.28 -1.01
N ASP A 218 21.46 -14.37 -1.83
CA ASP A 218 22.62 -15.25 -1.98
CA ASP A 218 22.64 -15.23 -1.96
C ASP A 218 23.63 -14.71 -3.02
N LYS A 219 23.27 -13.64 -3.76
CA LYS A 219 24.13 -13.10 -4.82
C LYS A 219 24.69 -11.69 -4.49
N THR A 220 24.74 -11.29 -3.20
CA THR A 220 25.23 -9.96 -2.78
C THR A 220 26.71 -9.72 -3.14
N ALA A 221 27.52 -10.79 -3.21
CA ALA A 221 28.95 -10.71 -3.53
C ALA A 221 29.21 -10.32 -4.99
N GLU A 222 28.29 -10.68 -5.92
CA GLU A 222 28.47 -10.38 -7.35
C GLU A 222 27.61 -9.20 -7.85
N SER A 223 26.45 -8.92 -7.20
CA SER A 223 25.59 -7.81 -7.61
C SER A 223 24.77 -7.25 -6.46
N ASP A 224 24.40 -5.96 -6.56
CA ASP A 224 23.56 -5.25 -5.60
C ASP A 224 22.09 -5.19 -6.08
N GLN A 225 21.67 -6.23 -6.85
CA GLN A 225 20.34 -6.40 -7.44
C GLN A 225 19.21 -6.26 -6.41
N GLY A 226 19.38 -6.89 -5.25
CA GLY A 226 18.41 -6.89 -4.16
C GLY A 226 18.22 -5.53 -3.52
N LEU A 227 19.35 -4.92 -3.09
CA LEU A 227 19.36 -3.61 -2.44
C LEU A 227 18.82 -2.53 -3.41
N ASN A 228 19.20 -2.63 -4.70
CA ASN A 228 18.74 -1.67 -5.72
C ASN A 228 17.22 -1.74 -5.91
N GLN A 229 16.66 -2.97 -6.02
CA GLN A 229 15.24 -3.20 -6.23
C GLN A 229 14.43 -2.74 -5.03
N TRP A 230 14.90 -3.06 -3.80
CA TRP A 230 14.25 -2.72 -2.55
C TRP A 230 14.09 -1.18 -2.38
N PHE A 231 15.18 -0.41 -2.53
CA PHE A 231 15.11 1.03 -2.34
C PHE A 231 14.40 1.74 -3.50
N ASN A 232 14.41 1.16 -4.71
CA ASN A 232 13.68 1.75 -5.82
C ASN A 232 12.19 1.51 -5.60
N SER A 233 11.85 0.40 -4.92
CA SER A 233 10.48 0.06 -4.55
C SER A 233 9.96 1.08 -3.53
N LEU A 234 10.82 1.45 -2.55
CA LEU A 234 10.48 2.44 -1.53
C LEU A 234 10.34 3.81 -2.15
N LEU A 235 11.21 4.13 -3.13
CA LEU A 235 11.15 5.40 -3.86
C LEU A 235 9.84 5.48 -4.66
N SER A 236 9.45 4.34 -5.31
CA SER A 236 8.22 4.22 -6.10
CA SER A 236 8.22 4.26 -6.10
C SER A 236 6.98 4.45 -5.22
N LEU A 237 7.03 4.01 -3.95
CA LEU A 237 5.92 4.17 -2.99
C LEU A 237 5.56 5.65 -2.81
N VAL A 238 6.56 6.51 -2.56
CA VAL A 238 6.36 7.94 -2.33
C VAL A 238 6.15 8.68 -3.68
N GLU A 239 6.78 8.21 -4.78
CA GLU A 239 6.61 8.85 -6.09
CA GLU A 239 6.62 8.82 -6.11
C GLU A 239 5.18 8.67 -6.61
N THR A 240 4.64 7.42 -6.58
CA THR A 240 3.27 7.14 -7.04
C THR A 240 2.25 7.78 -6.09
N MSE A 241 2.60 7.92 -4.81
CA MSE A 241 1.76 8.56 -3.81
C MSE A 241 1.62 10.06 -4.10
O MSE A 241 0.50 10.56 -4.18
CB MSE A 241 2.32 8.30 -2.41
CG MSE A 241 1.74 9.19 -1.33
SE MSE A 241 2.01 8.38 0.41
CE MSE A 241 3.96 8.44 0.55
N LYS A 242 2.74 10.80 -4.26
CA LYS A 242 2.65 12.24 -4.52
C LYS A 242 2.00 12.56 -5.89
N SER A 243 2.24 11.71 -6.92
CA SER A 243 1.70 11.92 -8.27
C SER A 243 0.26 11.43 -8.42
N ASN A 244 0.02 10.12 -8.28
CA ASN A 244 -1.29 9.49 -8.50
C ASN A 244 -2.28 9.74 -7.39
N ALA A 245 -1.83 9.82 -6.13
CA ALA A 245 -2.75 10.02 -5.02
C ALA A 245 -2.92 11.47 -4.59
N ILE A 246 -1.90 12.35 -4.81
CA ILE A 246 -1.99 13.73 -4.31
C ILE A 246 -2.10 14.77 -5.45
N GLU A 247 -1.05 14.94 -6.28
CA GLU A 247 -0.99 15.95 -7.35
C GLU A 247 -2.15 15.84 -8.33
N GLN A 248 -2.34 14.66 -8.94
CA GLN A 248 -3.35 14.43 -9.98
C GLN A 248 -4.80 14.54 -9.44
N PRO A 249 -5.25 13.85 -8.35
CA PRO A 249 -6.66 13.95 -7.95
C PRO A 249 -7.08 15.32 -7.40
N LEU A 250 -6.12 16.07 -6.83
CA LEU A 250 -6.41 17.37 -6.25
C LEU A 250 -6.16 18.53 -7.24
N GLY A 251 -5.69 18.19 -8.44
CA GLY A 251 -5.40 19.12 -9.52
C GLY A 251 -4.49 20.26 -9.10
N LEU A 252 -3.28 19.92 -8.65
CA LEU A 252 -2.30 20.90 -8.18
C LEU A 252 -1.44 21.45 -9.32
N SER A 253 -1.21 20.65 -10.37
CA SER A 253 -0.39 21.03 -11.54
C SER A 253 -1.26 21.46 -12.74
N GLY A 254 -2.47 20.92 -12.82
CA GLY A 254 -3.44 21.22 -13.88
C GLY A 254 -4.82 20.75 -13.51
N LYS A 255 -5.59 20.24 -14.51
CA LYS A 255 -6.93 19.72 -14.28
C LYS A 255 -6.85 18.40 -13.52
N ALA A 256 -7.74 18.22 -12.51
CA ALA A 256 -7.80 17.03 -11.68
C ALA A 256 -8.09 15.78 -12.51
N LYS A 257 -7.33 14.71 -12.23
CA LYS A 257 -7.37 13.42 -12.90
C LYS A 257 -7.27 12.33 -11.83
N GLY A 258 -8.20 11.39 -11.86
CA GLY A 258 -8.22 10.30 -10.90
C GLY A 258 -8.83 10.70 -9.57
N HIS A 259 -8.68 9.81 -8.57
CA HIS A 259 -9.26 10.03 -7.25
C HIS A 259 -8.26 9.73 -6.15
N LEU A 260 -8.50 10.31 -4.97
CA LEU A 260 -7.67 10.03 -3.80
C LEU A 260 -7.89 8.59 -3.38
N PRO A 261 -6.92 7.91 -2.73
CA PRO A 261 -7.22 6.57 -2.22
C PRO A 261 -8.33 6.68 -1.15
N ALA A 262 -9.24 5.68 -1.06
CA ALA A 262 -10.40 5.65 -0.16
C ALA A 262 -11.30 6.91 -0.32
N ALA A 263 -11.54 7.33 -1.59
CA ALA A 263 -12.35 8.49 -1.93
C ALA A 263 -13.81 8.33 -1.51
N THR A 264 -14.40 7.14 -1.73
CA THR A 264 -15.81 6.87 -1.40
C THR A 264 -15.99 6.83 0.12
N ALA A 265 -15.06 6.19 0.84
CA ALA A 265 -15.05 6.07 2.31
C ALA A 265 -14.72 7.43 2.96
N GLY A 266 -14.01 8.28 2.23
CA GLY A 266 -13.56 9.58 2.72
C GLY A 266 -12.48 9.41 3.77
N GLN A 267 -11.59 8.43 3.55
CA GLN A 267 -10.52 8.12 4.51
C GLN A 267 -9.13 8.20 3.85
N SER A 268 -8.90 9.22 2.99
CA SER A 268 -7.60 9.36 2.31
C SER A 268 -6.45 9.65 3.27
N ARG A 269 -6.69 10.44 4.33
CA ARG A 269 -5.65 10.77 5.34
C ARG A 269 -5.09 9.48 5.99
N ALA A 270 -5.96 8.51 6.31
CA ALA A 270 -5.58 7.23 6.89
C ALA A 270 -4.70 6.39 5.94
N ILE A 271 -4.96 6.45 4.62
CA ILE A 271 -4.17 5.71 3.62
C ILE A 271 -2.77 6.34 3.47
N ILE A 272 -2.69 7.68 3.36
CA ILE A 272 -1.41 8.40 3.21
C ILE A 272 -0.55 8.21 4.47
N ASN A 273 -1.18 8.26 5.67
CA ASN A 273 -0.54 8.07 6.97
C ASN A 273 0.07 6.66 7.09
N ALA A 274 -0.67 5.62 6.68
CA ALA A 274 -0.20 4.23 6.73
C ALA A 274 1.06 4.06 5.85
N LYS A 275 1.05 4.69 4.65
CA LYS A 275 2.19 4.64 3.73
C LYS A 275 3.38 5.39 4.31
N LEU A 276 3.15 6.59 4.90
CA LEU A 276 4.22 7.40 5.50
C LEU A 276 4.87 6.67 6.68
N ALA A 277 4.07 6.07 7.57
CA ALA A 277 4.54 5.34 8.75
C ALA A 277 5.39 4.10 8.35
N THR A 278 5.05 3.45 7.22
CA THR A 278 5.77 2.27 6.72
C THR A 278 7.12 2.73 6.16
N LEU A 279 7.14 3.84 5.41
CA LEU A 279 8.35 4.43 4.85
C LEU A 279 9.26 4.92 5.98
N ASN A 280 8.67 5.54 7.03
CA ASN A 280 9.41 5.99 8.22
C ASN A 280 10.06 4.82 8.96
N LYS A 281 9.34 3.68 9.06
CA LYS A 281 9.83 2.46 9.71
C LYS A 281 11.06 1.92 8.98
N ALA A 282 11.05 2.01 7.62
CA ALA A 282 12.15 1.57 6.76
C ALA A 282 13.35 2.53 6.83
N MSE A 283 13.09 3.87 6.81
CA MSE A 283 14.13 4.91 6.83
C MSE A 283 14.80 5.10 8.19
O MSE A 283 15.97 5.49 8.21
CB MSE A 283 13.56 6.26 6.36
CG MSE A 283 13.12 6.30 4.89
SE MSE A 283 14.39 5.47 3.67
CE MSE A 283 13.26 5.34 2.11
N THR A 284 14.06 4.89 9.31
CA THR A 284 14.60 5.08 10.68
C THR A 284 15.00 3.72 11.30
N ASP A 285 15.00 2.65 10.48
CA ASP A 285 15.38 1.30 10.86
C ASP A 285 16.85 1.30 11.35
N PRO A 286 17.11 0.87 12.61
CA PRO A 286 18.49 0.88 13.14
C PRO A 286 19.51 0.11 12.28
N VAL A 287 19.08 -0.99 11.63
CA VAL A 287 19.95 -1.81 10.77
C VAL A 287 20.42 -0.98 9.57
N LEU A 288 19.53 -0.15 9.00
CA LEU A 288 19.88 0.71 7.86
C LEU A 288 20.68 1.94 8.29
N THR A 289 20.32 2.58 9.43
CA THR A 289 21.01 3.78 9.93
C THR A 289 22.47 3.46 10.28
N ALA A 290 22.76 2.19 10.68
CA ALA A 290 24.11 1.70 10.98
C ALA A 290 24.94 1.57 9.69
N ILE A 291 24.29 1.16 8.58
CA ILE A 291 24.90 1.02 7.26
C ILE A 291 25.28 2.43 6.74
N LEU A 292 24.37 3.42 6.93
CA LEU A 292 24.56 4.81 6.50
C LEU A 292 25.54 5.56 7.41
N GLY A 293 25.54 5.22 8.70
CA GLY A 293 26.36 5.86 9.72
C GLY A 293 27.75 5.28 9.90
N SER A 294 28.44 5.00 8.78
CA SER A 294 29.81 4.45 8.79
C SER A 294 30.86 5.57 8.77
N ASN A 295 30.47 6.81 8.37
CA ASN A 295 31.35 7.97 8.31
C ASN A 295 30.57 9.25 8.69
N ASN A 296 30.53 10.26 7.79
CA ASN A 296 29.82 11.54 7.98
C ASN A 296 28.45 11.52 7.30
N GLU A 297 28.12 10.42 6.59
CA GLU A 297 26.84 10.21 5.89
C GLU A 297 25.70 9.89 6.89
N ASN A 298 25.93 10.13 8.20
CA ASN A 298 24.96 9.95 9.29
C ASN A 298 23.87 11.05 9.22
N THR A 299 24.21 12.17 8.51
CA THR A 299 23.34 13.33 8.27
C THR A 299 22.19 12.95 7.30
N VAL A 300 22.41 11.94 6.43
CA VAL A 300 21.43 11.43 5.45
C VAL A 300 20.24 10.83 6.20
N ALA A 301 20.48 9.97 7.21
CA ALA A 301 19.44 9.34 8.02
C ALA A 301 18.69 10.38 8.86
N ASP A 302 19.42 11.40 9.38
CA ASP A 302 18.86 12.49 10.19
C ASP A 302 17.90 13.39 9.38
N THR A 303 18.30 13.79 8.14
CA THR A 303 17.50 14.66 7.27
C THR A 303 16.23 13.94 6.77
N LEU A 304 16.33 12.63 6.44
CA LEU A 304 15.18 11.82 6.01
C LEU A 304 14.19 11.63 7.17
N SER A 305 14.70 11.32 8.38
CA SER A 305 13.88 11.16 9.59
C SER A 305 13.09 12.44 9.93
N THR A 306 13.75 13.61 9.84
CA THR A 306 13.15 14.92 10.12
C THR A 306 12.09 15.24 9.07
N ALA A 307 12.38 15.02 7.77
CA ALA A 307 11.44 15.27 6.66
C ALA A 307 10.17 14.40 6.77
N LEU A 308 10.32 13.11 7.12
CA LEU A 308 9.20 12.19 7.29
C LEU A 308 8.34 12.61 8.50
N ALA A 309 8.97 13.05 9.59
CA ALA A 309 8.30 13.54 10.80
C ALA A 309 7.51 14.83 10.53
N ASP A 310 8.05 15.75 9.70
CA ASP A 310 7.38 17.01 9.34
C ASP A 310 6.13 16.75 8.47
N THR A 311 6.23 15.77 7.54
CA THR A 311 5.15 15.38 6.64
C THR A 311 4.02 14.75 7.46
N THR A 312 4.38 13.88 8.43
CA THR A 312 3.45 13.19 9.33
C THR A 312 2.70 14.23 10.22
N ALA A 313 3.44 15.22 10.75
CA ALA A 313 2.87 16.30 11.56
C ALA A 313 1.92 17.19 10.73
N LEU A 314 2.27 17.44 9.46
CA LEU A 314 1.42 18.23 8.55
C LEU A 314 0.14 17.46 8.20
N LEU A 315 0.25 16.14 7.94
CA LEU A 315 -0.88 15.30 7.61
C LEU A 315 -1.87 15.19 8.77
N ALA A 316 -1.37 15.14 10.02
CA ALA A 316 -2.16 15.00 11.24
C ALA A 316 -3.11 16.20 11.50
N GLN A 317 -2.78 17.39 10.99
CA GLN A 317 -3.61 18.58 11.20
C GLN A 317 -4.57 18.82 10.00
N MSE A 318 -4.57 17.90 9.02
CA MSE A 318 -5.45 17.95 7.84
C MSE A 318 -6.73 17.12 8.10
O MSE A 318 -6.73 16.30 9.02
CB MSE A 318 -4.70 17.43 6.60
CG MSE A 318 -3.60 18.38 6.13
SE MSE A 318 -2.59 17.69 4.61
CE MSE A 318 -3.84 18.03 3.15
N PRO A 319 -7.85 17.29 7.33
CA PRO A 319 -9.06 16.50 7.61
C PRO A 319 -8.95 15.03 7.18
N GLU A 320 -9.92 14.17 7.62
CA GLU A 320 -10.00 12.73 7.29
C GLU A 320 -9.98 12.51 5.79
N ASP A 321 -10.68 13.39 5.04
CA ASP A 321 -10.72 13.42 3.59
C ASP A 321 -9.85 14.59 3.16
N LEU A 322 -8.68 14.30 2.57
CA LEU A 322 -7.70 15.32 2.15
C LEU A 322 -8.25 16.25 1.08
N ALA A 323 -9.32 15.84 0.36
CA ALA A 323 -9.95 16.68 -0.66
C ALA A 323 -10.64 17.90 -0.05
N THR A 324 -11.09 17.79 1.23
CA THR A 324 -11.80 18.87 1.94
C THR A 324 -10.81 19.87 2.57
N ALA A 325 -9.49 19.65 2.41
CA ALA A 325 -8.47 20.54 2.95
C ALA A 325 -8.29 21.76 2.07
N ASP A 326 -7.60 22.81 2.60
CA ASP A 326 -7.30 24.05 1.85
CA ASP A 326 -7.31 24.05 1.86
C ASP A 326 -6.32 23.72 0.74
N LYS A 327 -6.42 24.44 -0.40
CA LYS A 327 -5.54 24.23 -1.55
C LYS A 327 -4.06 24.43 -1.19
N ALA A 328 -3.75 25.42 -0.34
CA ALA A 328 -2.39 25.72 0.11
C ALA A 328 -1.83 24.58 0.97
N THR A 329 -2.66 23.97 1.83
CA THR A 329 -2.29 22.85 2.71
C THR A 329 -2.01 21.59 1.88
N GLN A 330 -2.78 21.39 0.80
CA GLN A 330 -2.62 20.26 -0.11
C GLN A 330 -1.31 20.41 -0.89
N GLN A 331 -0.96 21.67 -1.24
CA GLN A 331 0.28 22.03 -1.93
C GLN A 331 1.48 21.78 -1.01
N GLU A 332 1.34 22.13 0.29
CA GLU A 332 2.34 21.91 1.34
C GLU A 332 2.65 20.41 1.49
N LEU A 333 1.59 19.58 1.47
CA LEU A 333 1.70 18.13 1.58
C LEU A 333 2.47 17.58 0.38
N TYR A 334 2.14 18.05 -0.84
CA TYR A 334 2.81 17.64 -2.07
C TYR A 334 4.29 18.03 -2.02
N ASP A 335 4.58 19.29 -1.61
CA ASP A 335 5.94 19.84 -1.50
C ASP A 335 6.78 19.02 -0.50
N HIS A 336 6.19 18.60 0.64
CA HIS A 336 6.86 17.77 1.65
C HIS A 336 7.20 16.40 1.06
N LEU A 337 6.26 15.81 0.26
CA LEU A 337 6.45 14.49 -0.38
C LEU A 337 7.53 14.57 -1.47
N THR A 338 7.59 15.70 -2.18
CA THR A 338 8.56 15.98 -3.24
C THR A 338 9.97 16.10 -2.60
N ASN A 339 10.05 16.70 -1.39
CA ASN A 339 11.31 16.83 -0.66
C ASN A 339 11.81 15.43 -0.20
N ILE A 340 10.90 14.49 0.14
CA ILE A 340 11.27 13.13 0.54
C ILE A 340 11.85 12.38 -0.69
N THR A 341 11.20 12.48 -1.87
CA THR A 341 11.68 11.84 -3.10
C THR A 341 13.04 12.41 -3.48
N ARG A 342 13.23 13.73 -3.29
CA ARG A 342 14.48 14.44 -3.54
C ARG A 342 15.60 13.85 -2.68
N LEU A 343 15.35 13.71 -1.36
CA LEU A 343 16.31 13.15 -0.42
C LEU A 343 16.64 11.69 -0.74
N ILE A 344 15.66 10.89 -1.21
CA ILE A 344 15.92 9.48 -1.54
C ILE A 344 16.82 9.38 -2.79
N LYS A 345 16.48 10.10 -3.86
CA LYS A 345 17.19 10.08 -5.14
C LYS A 345 18.59 10.71 -5.09
N SER A 346 18.75 11.85 -4.38
CA SER A 346 20.01 12.59 -4.39
C SER A 346 20.93 12.37 -3.17
N GLN A 347 20.41 11.84 -2.05
CA GLN A 347 21.22 11.62 -0.85
CA GLN A 347 21.22 11.62 -0.85
C GLN A 347 21.25 10.14 -0.44
N LEU A 348 20.08 9.48 -0.33
CA LEU A 348 20.02 8.09 0.10
C LEU A 348 20.62 7.07 -0.91
N ILE A 349 20.11 7.06 -2.17
CA ILE A 349 20.54 6.12 -3.21
C ILE A 349 22.06 6.28 -3.53
N PRO A 350 22.66 7.49 -3.74
CA PRO A 350 24.11 7.55 -4.03
C PRO A 350 25.00 7.16 -2.84
N THR A 351 24.54 7.37 -1.58
CA THR A 351 25.28 7.01 -0.37
C THR A 351 25.34 5.48 -0.28
N LEU A 352 24.25 4.79 -0.64
CA LEU A 352 24.18 3.33 -0.64
C LEU A 352 24.89 2.72 -1.87
N GLY A 353 25.36 3.58 -2.78
CA GLY A 353 26.06 3.18 -4.00
C GLY A 353 25.22 2.46 -5.04
N ILE A 354 23.88 2.66 -4.98
CA ILE A 354 22.92 2.03 -5.90
C ILE A 354 22.44 3.07 -6.94
N ARG A 355 21.41 2.73 -7.76
CA ARG A 355 20.97 3.62 -8.86
C ARG A 355 19.50 4.01 -8.79
N VAL A 356 19.19 5.22 -9.29
CA VAL A 356 17.82 5.75 -9.41
C VAL A 356 17.25 5.09 -10.67
N GLY A 357 16.31 4.17 -10.46
CA GLY A 357 15.68 3.43 -11.55
C GLY A 357 16.12 1.99 -11.64
N PHE A 358 15.13 1.08 -11.77
CA PHE A 358 15.37 -0.36 -11.89
C PHE A 358 14.97 -0.85 -13.29
#